data_4ELT
#
_entry.id   4ELT
#
_cell.length_a   108.860
_cell.length_b   108.860
_cell.length_c   91.004
_cell.angle_alpha   90.00
_cell.angle_beta   90.00
_cell.angle_gamma   120.00
#
_symmetry.space_group_name_H-M   'P 31 2 1'
#
loop_
_entity.id
_entity.type
_entity.pdbx_description
1 polymer 'DNA polymerase I, thermostable'
2 polymer "DNA (5'-D(*GP*AP*CP*CP*AP*CP*GP*GP*CP*GP*CP*(DOC))-3')"
3 polymer "DNA (5'-D(*AP*AP*AP*AP*GP*GP*CP*GP*CP*CP*GP*TP*GP*GP*TP*C)-3')"
4 non-polymer "2'-deoxy-5-[(4-ethynylphenyl)ethynyl]uridine 5'-(tetrahydrogen triphosphate)"
5 non-polymer 'MAGNESIUM ION'
6 non-polymer GLYCEROL
7 non-polymer 'ACETATE ION'
8 non-polymer 1,2-ETHANEDIOL
9 water water
#
loop_
_entity_poly.entity_id
_entity_poly.type
_entity_poly.pdbx_seq_one_letter_code
_entity_poly.pdbx_strand_id
1 'polypeptide(L)'
;ALEEAPWPPPEGAFVGFVLSRKEPMWADLLALAAARGGRVHRAPEPYKALRDLKEARGLLAKDLSVLALREGLGLPPGDD
PMLLAYLLDPSNTTPEGVARRYGGEWTEEAGERAALSERLFANLWGRLEGEERLLWLYREVERPLSAVLAHMEATGVRLD
VAYLRALSLEVAEEIARLEAEVFRLAGHPFNLNSRDQLERVLFDELGLPAIGKTEKTGKRSTSAAVLEALREAHPIVEKI
LQYRELTKLKSTYIDPLPDLIHPRTGRLHTRFNQTATATGRLSSSDPNLQNIPVRTPLGQRIRRAFIAEEGWLLVALDYS
QIELRVLAHLSGDENLIRVFQEGRDIHTETASWMFGVPREAVDPLMRRAAKTINFGVLYGMSAHRLSQELAIPYEEAQAF
IERYFQSFPKVRAWIEKTLEEGRRRGYVETLFGRRRYVPDLEARVKSVREAAERMAFNMPVQGTAADLMKLAMVKLFPRL
EEMGARMLLQVHDELVLEAPKERAEAVARLAKEVMEGVYPLAVPLEVEVGIGEDWLSAKE
;
A
2 'polydeoxyribonucleotide' (DG)(DA)(DC)(DC)(DA)(DC)(DG)(DG)(DC)(DG)(DC)(DOC) B
3 'polydeoxyribonucleotide' (DA)(DA)(DA)(DA)(DG)(DG)(DC)(DG)(DC)(DC)(DG)(DT)(DG)(DG)(DT)(DC) C
#
loop_
_chem_comp.id
_chem_comp.type
_chem_comp.name
_chem_comp.formula
0R5 non-polymer '2'-deoxy-5-[(4-ethynylphenyl)ethynyl]uridine 5'-(tetrahydrogen triphosphate)' 'C19 H19 N2 O14 P3'
ACT non-polymer 'ACETATE ION' 'C2 H3 O2 -1'
DA DNA linking 2'-DEOXYADENOSINE-5'-MONOPHOSPHATE 'C10 H14 N5 O6 P'
DC DNA linking 2'-DEOXYCYTIDINE-5'-MONOPHOSPHATE 'C9 H14 N3 O7 P'
DG DNA linking 2'-DEOXYGUANOSINE-5'-MONOPHOSPHATE 'C10 H14 N5 O7 P'
DOC DNA linking 2',3'-DIDEOXYCYTIDINE-5'-MONOPHOSPHATE 'C9 H14 N3 O6 P'
DT DNA linking THYMIDINE-5'-MONOPHOSPHATE 'C10 H15 N2 O8 P'
EDO non-polymer 1,2-ETHANEDIOL 'C2 H6 O2'
GOL non-polymer GLYCEROL 'C3 H8 O3'
MG non-polymer 'MAGNESIUM ION' 'Mg 2'
#
# COMPACT_ATOMS: atom_id res chain seq x y z
N LEU A 2 37.12 13.73 -6.30
CA LEU A 2 36.54 14.44 -7.44
C LEU A 2 37.07 15.85 -7.55
N GLU A 3 36.93 16.44 -8.73
CA GLU A 3 37.44 17.78 -8.98
C GLU A 3 36.31 18.81 -8.99
N GLU A 4 36.42 19.83 -8.14
CA GLU A 4 35.42 20.90 -8.06
C GLU A 4 35.31 21.60 -9.40
N ALA A 5 34.08 21.79 -9.86
CA ALA A 5 33.83 22.58 -11.06
C ALA A 5 32.65 23.49 -10.76
N PRO A 6 32.57 24.64 -11.45
CA PRO A 6 31.50 25.61 -11.18
C PRO A 6 30.13 25.13 -11.66
N TRP A 7 29.09 25.53 -10.94
CA TRP A 7 27.70 25.32 -11.36
C TRP A 7 27.46 26.16 -12.62
N PRO A 8 26.62 25.67 -13.56
CA PRO A 8 25.85 24.43 -13.60
C PRO A 8 26.60 23.26 -14.24
N PRO A 9 26.23 22.03 -13.88
CA PRO A 9 26.83 20.81 -14.43
C PRO A 9 26.47 20.62 -15.91
N PRO A 10 27.12 19.67 -16.59
CA PRO A 10 26.73 19.36 -17.97
C PRO A 10 25.41 18.61 -18.02
N GLU A 11 24.95 18.32 -19.22
CA GLU A 11 23.74 17.53 -19.40
C GLU A 11 23.97 16.06 -19.01
N GLY A 12 22.99 15.45 -18.35
CA GLY A 12 23.10 14.05 -17.99
C GLY A 12 23.85 13.79 -16.69
N ALA A 13 24.13 14.85 -15.94
CA ALA A 13 24.83 14.72 -14.67
C ALA A 13 23.91 14.09 -13.62
N PHE A 14 24.51 13.57 -12.56
CA PHE A 14 23.78 12.95 -11.45
C PHE A 14 23.63 13.91 -10.28
N VAL A 15 22.41 14.07 -9.77
CA VAL A 15 22.18 15.01 -8.68
C VAL A 15 22.36 14.38 -7.31
N GLY A 16 22.79 15.23 -6.37
CA GLY A 16 22.75 14.92 -4.95
C GLY A 16 22.17 16.16 -4.27
N PHE A 17 21.31 15.96 -3.28
CA PHE A 17 20.65 17.08 -2.59
C PHE A 17 20.42 16.71 -1.14
N VAL A 18 20.38 17.72 -0.28
CA VAL A 18 20.14 17.52 1.14
C VAL A 18 18.88 18.30 1.56
N LEU A 19 17.95 17.61 2.20
CA LEU A 19 16.69 18.22 2.64
C LEU A 19 16.70 18.43 4.14
N SER A 20 15.98 19.44 4.63
CA SER A 20 15.88 19.67 6.07
C SER A 20 15.06 18.58 6.77
N ARG A 21 14.19 17.92 6.01
CA ARG A 21 13.41 16.78 6.50
C ARG A 21 13.09 15.87 5.34
N LYS A 22 12.74 14.62 5.66
CA LYS A 22 12.54 13.61 4.64
C LYS A 22 11.37 13.90 3.70
N GLU A 23 10.34 14.60 4.17
CA GLU A 23 9.16 14.81 3.32
C GLU A 23 9.39 15.96 2.34
N PRO A 24 9.46 15.65 1.03
CA PRO A 24 9.76 16.65 -0.01
C PRO A 24 8.76 17.81 -0.04
N MET A 25 7.48 17.55 0.18
CA MET A 25 6.51 18.65 0.20
C MET A 25 6.70 19.61 1.40
N TRP A 26 7.46 19.19 2.42
CA TRP A 26 7.65 20.03 3.62
C TRP A 26 9.07 20.53 3.82
N ALA A 27 10.00 20.00 3.04
CA ALA A 27 11.41 20.25 3.27
C ALA A 27 11.92 21.58 2.73
N ASP A 28 12.99 22.05 3.36
CA ASP A 28 13.81 23.13 2.84
C ASP A 28 14.91 22.44 2.04
N LEU A 29 15.21 22.95 0.87
CA LEU A 29 16.30 22.42 0.05
C LEU A 29 17.62 23.02 0.54
N LEU A 30 18.32 22.30 1.41
CA LEU A 30 19.52 22.83 2.06
C LEU A 30 20.71 22.95 1.09
N ALA A 31 20.99 21.88 0.36
CA ALA A 31 22.07 21.92 -0.62
C ALA A 31 21.73 21.11 -1.85
N LEU A 32 22.41 21.43 -2.94
CA LEU A 32 22.20 20.76 -4.21
C LEU A 32 23.53 20.67 -4.93
N ALA A 33 23.82 19.50 -5.49
CA ALA A 33 25.08 19.31 -6.20
C ALA A 33 24.88 18.34 -7.35
N ALA A 34 25.85 18.30 -8.26
CA ALA A 34 25.79 17.38 -9.37
C ALA A 34 27.16 16.85 -9.75
N ALA A 35 27.19 15.70 -10.42
CA ALA A 35 28.44 14.99 -10.67
C ALA A 35 28.43 14.32 -12.03
N ARG A 36 29.52 14.48 -12.77
CA ARG A 36 29.70 13.79 -14.03
C ARG A 36 31.13 13.96 -14.49
N GLY A 37 31.72 12.88 -14.98
CA GLY A 37 33.04 12.93 -15.58
C GLY A 37 34.12 13.32 -14.60
N GLY A 38 34.18 12.65 -13.45
CA GLY A 38 35.17 12.94 -12.43
C GLY A 38 35.11 14.38 -11.93
N ARG A 39 33.96 15.02 -12.10
CA ARG A 39 33.76 16.37 -11.61
C ARG A 39 32.58 16.41 -10.67
N VAL A 40 32.64 17.30 -9.69
CA VAL A 40 31.50 17.60 -8.85
C VAL A 40 31.22 19.09 -8.89
N HIS A 41 29.98 19.43 -9.20
CA HIS A 41 29.57 20.83 -9.27
C HIS A 41 28.61 21.09 -8.12
N ARG A 42 29.00 21.98 -7.21
CA ARG A 42 28.13 22.34 -6.10
C ARG A 42 27.44 23.67 -6.38
N ALA A 43 26.17 23.78 -5.99
CA ALA A 43 25.37 24.96 -6.31
C ALA A 43 25.38 25.98 -5.18
N PRO A 44 25.72 27.24 -5.51
CA PRO A 44 25.75 28.33 -4.52
C PRO A 44 24.39 28.52 -3.90
N GLU A 45 23.38 28.67 -4.77
CA GLU A 45 22.00 28.84 -4.32
C GLU A 45 21.13 27.71 -4.86
N PRO A 46 20.85 26.70 -3.99
CA PRO A 46 20.13 25.47 -4.34
C PRO A 46 18.82 25.72 -5.12
N TYR A 47 17.94 26.55 -4.57
CA TYR A 47 16.64 26.81 -5.19
C TYR A 47 16.76 27.37 -6.62
N LYS A 48 17.60 28.39 -6.80
CA LYS A 48 17.79 28.95 -8.13
C LYS A 48 18.48 27.93 -9.04
N ALA A 49 19.38 27.15 -8.46
CA ALA A 49 20.06 26.11 -9.22
C ALA A 49 19.12 25.06 -9.82
N LEU A 50 17.96 24.86 -9.20
CA LEU A 50 16.97 23.91 -9.72
C LEU A 50 16.48 24.27 -11.13
N ARG A 51 16.44 25.56 -11.47
CA ARG A 51 16.00 25.98 -12.80
C ARG A 51 16.96 25.53 -13.89
N ASP A 52 18.17 25.14 -13.49
CA ASP A 52 19.21 24.76 -14.44
C ASP A 52 19.19 23.28 -14.88
N LEU A 53 18.36 22.47 -14.24
CA LEU A 53 18.32 21.04 -14.55
C LEU A 53 17.20 20.68 -15.53
N LYS A 54 17.48 19.68 -16.36
CA LYS A 54 16.53 19.21 -17.35
C LYS A 54 15.71 18.07 -16.76
N GLU A 55 16.30 17.37 -15.79
CA GLU A 55 15.65 16.23 -15.13
C GLU A 55 16.41 15.92 -13.84
N ALA A 56 15.71 15.33 -12.89
CA ALA A 56 16.32 14.85 -11.65
C ALA A 56 16.80 13.41 -11.84
N ARG A 57 18.13 13.25 -11.87
CA ARG A 57 18.75 11.96 -12.16
C ARG A 57 19.66 11.55 -10.99
N GLY A 58 19.26 10.52 -10.23
CA GLY A 58 20.05 10.11 -9.09
C GLY A 58 19.25 9.47 -7.96
N LEU A 59 19.93 9.17 -6.86
CA LEU A 59 19.31 8.57 -5.70
C LEU A 59 18.12 9.43 -5.24
N LEU A 60 16.96 8.77 -5.06
CA LEU A 60 15.74 9.46 -4.59
C LEU A 60 15.32 10.58 -5.53
N ALA A 61 15.47 10.37 -6.85
CA ALA A 61 15.13 11.37 -7.84
C ALA A 61 13.73 11.95 -7.66
N LYS A 62 12.76 11.08 -7.38
CA LYS A 62 11.35 11.50 -7.22
C LYS A 62 11.14 12.60 -6.18
N ASP A 63 11.81 12.47 -5.04
CA ASP A 63 11.71 13.45 -3.97
C ASP A 63 12.12 14.86 -4.40
N LEU A 64 13.21 15.00 -5.13
CA LEU A 64 13.65 16.32 -5.59
C LEU A 64 12.67 16.83 -6.65
N SER A 65 12.17 15.92 -7.47
CA SER A 65 11.17 16.28 -8.47
CA SER A 65 11.16 16.29 -8.47
C SER A 65 9.90 16.80 -7.78
N VAL A 66 9.51 16.13 -6.70
CA VAL A 66 8.33 16.55 -5.93
C VAL A 66 8.53 17.97 -5.41
N LEU A 67 9.71 18.21 -4.84
CA LEU A 67 10.04 19.53 -4.32
C LEU A 67 10.07 20.57 -5.45
N ALA A 68 10.63 20.22 -6.60
CA ALA A 68 10.64 21.11 -7.74
C ALA A 68 9.22 21.45 -8.21
N LEU A 69 8.37 20.44 -8.28
CA LEU A 69 6.97 20.62 -8.64
C LEU A 69 6.26 21.59 -7.66
N ARG A 70 6.58 21.45 -6.38
CA ARG A 70 6.05 22.34 -5.36
C ARG A 70 6.39 23.80 -5.65
N GLU A 71 7.58 24.04 -6.21
CA GLU A 71 8.01 25.41 -6.48
C GLU A 71 7.62 25.87 -7.87
N GLY A 72 6.78 25.10 -8.55
CA GLY A 72 6.30 25.46 -9.88
C GLY A 72 7.27 25.13 -11.01
N LEU A 73 8.17 24.19 -10.78
CA LEU A 73 9.14 23.80 -11.79
C LEU A 73 8.82 22.38 -12.30
N GLY A 74 8.68 22.23 -13.62
CA GLY A 74 8.39 20.93 -14.20
C GLY A 74 9.64 20.08 -14.36
N LEU A 75 10.25 19.73 -13.23
CA LEU A 75 11.45 18.90 -13.25
C LEU A 75 11.10 17.42 -13.05
N PRO A 76 11.15 16.63 -14.13
CA PRO A 76 10.79 15.20 -14.04
C PRO A 76 11.95 14.37 -13.49
N PRO A 77 11.64 13.27 -12.78
CA PRO A 77 12.71 12.39 -12.32
C PRO A 77 13.17 11.44 -13.44
N GLY A 78 14.46 11.14 -13.48
CA GLY A 78 15.02 10.22 -14.47
C GLY A 78 15.60 8.98 -13.79
N ASP A 79 16.75 8.51 -14.24
CA ASP A 79 17.37 7.32 -13.67
C ASP A 79 17.55 7.47 -12.16
N ASP A 80 17.31 6.38 -11.42
CA ASP A 80 17.50 6.38 -9.97
C ASP A 80 18.07 5.00 -9.61
N PRO A 81 19.30 4.98 -9.06
CA PRO A 81 19.92 3.71 -8.65
C PRO A 81 19.05 2.92 -7.64
N MET A 82 18.27 3.60 -6.81
CA MET A 82 17.37 2.90 -5.88
C MET A 82 16.43 1.94 -6.63
N LEU A 83 15.93 2.38 -7.78
CA LEU A 83 15.03 1.57 -8.61
C LEU A 83 15.72 0.34 -9.17
N LEU A 84 16.95 0.50 -9.65
CA LEU A 84 17.76 -0.63 -10.11
C LEU A 84 17.98 -1.65 -9.00
N ALA A 85 18.33 -1.18 -7.81
CA ALA A 85 18.66 -2.10 -6.72
C ALA A 85 17.43 -2.88 -6.28
N TYR A 86 16.30 -2.18 -6.24
CA TYR A 86 15.04 -2.75 -5.79
C TYR A 86 14.58 -3.84 -6.73
N LEU A 87 14.82 -3.65 -8.03
CA LEU A 87 14.48 -4.66 -9.02
C LEU A 87 15.39 -5.88 -8.91
N LEU A 88 16.67 -5.64 -8.65
CA LEU A 88 17.62 -6.74 -8.44
C LEU A 88 17.26 -7.56 -7.21
N ASP A 89 16.80 -6.87 -6.16
CA ASP A 89 16.51 -7.51 -4.88
C ASP A 89 15.70 -6.54 -4.03
N PRO A 90 14.39 -6.79 -3.91
CA PRO A 90 13.48 -5.84 -3.26
C PRO A 90 13.71 -5.72 -1.76
N SER A 91 14.68 -6.45 -1.21
CA SER A 91 15.17 -6.10 0.11
C SER A 91 16.07 -4.85 0.07
N ASN A 92 16.47 -4.41 -1.13
CA ASN A 92 17.13 -3.10 -1.29
C ASN A 92 16.12 -1.95 -1.20
N THR A 93 15.95 -1.38 -0.02
CA THR A 93 14.88 -0.41 0.24
C THR A 93 15.35 0.97 0.70
N THR A 94 16.57 1.05 1.24
CA THR A 94 17.10 2.32 1.74
C THR A 94 18.39 2.70 1.03
N PRO A 95 18.63 4.01 0.88
CA PRO A 95 19.88 4.45 0.25
C PRO A 95 21.08 4.06 1.11
N GLU A 96 20.91 4.03 2.42
CA GLU A 96 21.98 3.56 3.30
C GLU A 96 22.38 2.11 2.97
N GLY A 97 21.39 1.22 2.89
CA GLY A 97 21.64 -0.19 2.57
C GLY A 97 22.21 -0.39 1.18
N VAL A 98 21.62 0.29 0.20
CA VAL A 98 22.04 0.14 -1.18
C VAL A 98 23.50 0.62 -1.36
N ALA A 99 23.84 1.71 -0.69
CA ALA A 99 25.19 2.27 -0.72
C ALA A 99 26.19 1.27 -0.15
N ARG A 100 25.89 0.74 1.03
CA ARG A 100 26.78 -0.19 1.71
C ARG A 100 26.97 -1.43 0.83
N ARG A 101 25.92 -1.83 0.15
CA ARG A 101 25.96 -3.05 -0.62
C ARG A 101 26.65 -2.85 -1.96
N TYR A 102 26.45 -1.68 -2.58
CA TYR A 102 26.90 -1.50 -3.97
C TYR A 102 27.99 -0.45 -4.23
N GLY A 103 28.58 0.11 -3.19
CA GLY A 103 29.83 0.83 -3.43
C GLY A 103 30.06 2.22 -2.90
N GLY A 104 29.46 2.57 -1.77
CA GLY A 104 29.81 3.83 -1.15
C GLY A 104 29.17 3.96 0.22
N GLU A 105 28.93 5.20 0.62
CA GLU A 105 28.35 5.49 1.93
C GLU A 105 27.37 6.65 1.79
N TRP A 106 26.16 6.48 2.30
CA TRP A 106 25.17 7.56 2.29
C TRP A 106 25.52 8.57 3.38
N THR A 107 25.97 9.76 2.98
CA THR A 107 26.39 10.78 3.93
C THR A 107 25.33 11.88 4.01
N GLU A 108 25.71 13.03 4.58
CA GLU A 108 24.77 14.15 4.70
C GLU A 108 25.18 15.36 3.86
N GLU A 109 25.99 15.10 2.83
CA GLU A 109 26.56 16.18 2.03
C GLU A 109 26.18 15.99 0.57
N ALA A 110 25.71 17.06 -0.07
CA ALA A 110 25.12 16.98 -1.41
C ALA A 110 26.10 16.49 -2.48
N GLY A 111 27.32 17.02 -2.43
CA GLY A 111 28.34 16.62 -3.39
C GLY A 111 28.70 15.15 -3.33
N GLU A 112 28.88 14.64 -2.12
CA GLU A 112 29.18 13.23 -1.93
C GLU A 112 28.01 12.35 -2.40
N ARG A 113 26.79 12.81 -2.11
CA ARG A 113 25.57 12.15 -2.58
C ARG A 113 25.49 12.14 -4.11
N ALA A 114 25.96 13.21 -4.75
CA ALA A 114 25.97 13.26 -6.22
C ALA A 114 26.96 12.25 -6.79
N ALA A 115 28.18 12.26 -6.26
CA ALA A 115 29.22 11.30 -6.64
C ALA A 115 28.77 9.86 -6.37
N LEU A 116 28.10 9.66 -5.24
CA LEU A 116 27.57 8.36 -4.86
C LEU A 116 26.53 7.88 -5.87
N SER A 117 25.59 8.75 -6.25
CA SER A 117 24.59 8.43 -7.27
C SER A 117 25.22 7.93 -8.59
N GLU A 118 26.24 8.62 -9.06
CA GLU A 118 26.92 8.22 -10.31
C GLU A 118 27.65 6.87 -10.19
N ARG A 119 28.44 6.70 -9.12
CA ARG A 119 29.11 5.42 -8.86
C ARG A 119 28.12 4.27 -8.80
N LEU A 120 27.07 4.44 -7.97
CA LEU A 120 26.08 3.38 -7.77
C LEU A 120 25.33 3.05 -9.05
N PHE A 121 25.03 4.07 -9.86
CA PHE A 121 24.29 3.80 -11.08
C PHE A 121 25.12 2.95 -12.05
N ALA A 122 26.39 3.31 -12.21
CA ALA A 122 27.32 2.52 -13.02
C ALA A 122 27.32 1.06 -12.60
N ASN A 123 27.61 0.82 -11.33
CA ASN A 123 27.67 -0.54 -10.82
C ASN A 123 26.35 -1.31 -10.97
N LEU A 124 25.24 -0.70 -10.56
CA LEU A 124 23.95 -1.37 -10.62
C LEU A 124 23.50 -1.64 -12.06
N TRP A 125 23.74 -0.67 -12.95
CA TRP A 125 23.41 -0.85 -14.35
C TRP A 125 24.16 -2.03 -14.97
N GLY A 126 25.41 -2.22 -14.56
CA GLY A 126 26.19 -3.34 -15.06
C GLY A 126 25.61 -4.66 -14.57
N ARG A 127 25.07 -4.67 -13.36
CA ARG A 127 24.50 -5.89 -12.81
C ARG A 127 23.16 -6.21 -13.46
N LEU A 128 22.53 -5.20 -14.06
CA LEU A 128 21.28 -5.38 -14.75
C LEU A 128 21.45 -5.86 -16.20
N GLU A 129 22.70 -5.96 -16.64
CA GLU A 129 22.97 -6.41 -17.99
C GLU A 129 22.77 -7.92 -18.11
N GLY A 130 21.94 -8.32 -19.07
CA GLY A 130 21.58 -9.71 -19.23
C GLY A 130 20.18 -9.95 -18.70
N GLU A 131 19.75 -9.12 -17.75
CA GLU A 131 18.45 -9.27 -17.09
C GLU A 131 17.36 -8.55 -17.86
N GLU A 132 17.11 -9.01 -19.08
CA GLU A 132 16.17 -8.39 -20.01
C GLU A 132 14.81 -8.11 -19.40
N ARG A 133 14.32 -9.05 -18.57
CA ARG A 133 12.99 -8.88 -18.00
C ARG A 133 12.98 -7.81 -16.91
N LEU A 134 14.03 -7.78 -16.08
CA LEU A 134 14.17 -6.71 -15.09
C LEU A 134 14.42 -5.37 -15.77
N LEU A 135 15.12 -5.40 -16.91
CA LEU A 135 15.34 -4.18 -17.69
C LEU A 135 14.04 -3.63 -18.25
N TRP A 136 13.19 -4.51 -18.76
CA TRP A 136 11.88 -4.13 -19.26
C TRP A 136 11.03 -3.46 -18.16
N LEU A 137 11.12 -3.97 -16.94
CA LEU A 137 10.35 -3.41 -15.83
C LEU A 137 10.87 -2.04 -15.41
N TYR A 138 12.18 -1.86 -15.49
CA TYR A 138 12.77 -0.58 -15.12
C TYR A 138 12.34 0.51 -16.12
N ARG A 139 12.54 0.24 -17.41
CA ARG A 139 12.32 1.24 -18.45
C ARG A 139 10.84 1.47 -18.76
N GLU A 140 10.04 0.40 -18.71
CA GLU A 140 8.65 0.51 -19.17
C GLU A 140 7.67 0.66 -18.01
N VAL A 141 8.12 0.35 -16.79
CA VAL A 141 7.23 0.48 -15.64
C VAL A 141 7.77 1.44 -14.59
N GLU A 142 8.84 1.04 -13.89
CA GLU A 142 9.30 1.78 -12.70
C GLU A 142 9.81 3.20 -12.96
N ARG A 143 10.70 3.38 -13.92
CA ARG A 143 11.24 4.71 -14.20
C ARG A 143 10.16 5.74 -14.61
N PRO A 144 9.33 5.43 -15.62
CA PRO A 144 8.24 6.37 -15.88
C PRO A 144 7.24 6.46 -14.73
N LEU A 145 7.03 5.38 -13.97
CA LEU A 145 6.08 5.42 -12.87
C LEU A 145 6.49 6.50 -11.86
N SER A 146 7.79 6.60 -11.60
CA SER A 146 8.29 7.60 -10.64
C SER A 146 7.92 9.03 -11.07
N ALA A 147 7.82 9.27 -12.38
CA ALA A 147 7.33 10.58 -12.84
C ALA A 147 5.87 10.78 -12.42
N VAL A 148 5.05 9.76 -12.67
CA VAL A 148 3.64 9.79 -12.31
C VAL A 148 3.46 9.99 -10.81
N LEU A 149 4.23 9.26 -10.01
CA LEU A 149 4.14 9.35 -8.55
C LEU A 149 4.49 10.74 -8.05
N ALA A 150 5.52 11.35 -8.65
CA ALA A 150 5.89 12.72 -8.31
C ALA A 150 4.74 13.71 -8.48
N HIS A 151 4.06 13.64 -9.61
CA HIS A 151 2.91 14.50 -9.84
C HIS A 151 1.78 14.24 -8.85
N MET A 152 1.59 12.98 -8.48
CA MET A 152 0.53 12.65 -7.52
C MET A 152 0.83 13.26 -6.16
N GLU A 153 2.08 13.16 -5.72
CA GLU A 153 2.51 13.70 -4.42
C GLU A 153 2.38 15.21 -4.38
N ALA A 154 2.84 15.87 -5.43
CA ALA A 154 2.80 17.33 -5.48
C ALA A 154 1.36 17.90 -5.59
N THR A 155 0.45 17.12 -6.17
CA THR A 155 -0.94 17.55 -6.35
C THR A 155 -1.74 17.43 -5.05
N GLY A 156 -1.64 16.27 -4.41
CA GLY A 156 -2.32 16.02 -3.15
C GLY A 156 -3.83 15.93 -3.27
N VAL A 157 -4.48 15.79 -2.13
CA VAL A 157 -5.93 15.60 -2.08
C VAL A 157 -6.57 16.54 -1.06
N ARG A 158 -7.71 17.12 -1.43
CA ARG A 158 -8.48 18.01 -0.54
C ARG A 158 -9.15 17.29 0.66
N LEU A 159 -9.07 17.91 1.83
CA LEU A 159 -9.67 17.38 3.04
C LEU A 159 -10.64 18.38 3.65
N ASP A 160 -11.82 17.91 4.07
CA ASP A 160 -12.80 18.76 4.74
C ASP A 160 -12.43 18.93 6.22
N VAL A 161 -11.57 19.90 6.48
CA VAL A 161 -11.01 20.15 7.79
C VAL A 161 -12.04 20.48 8.87
N ALA A 162 -12.97 21.36 8.57
CA ALA A 162 -13.93 21.80 9.58
C ALA A 162 -14.83 20.63 9.97
N TYR A 163 -15.13 19.78 9.00
CA TYR A 163 -15.91 18.58 9.26
C TYR A 163 -15.21 17.68 10.28
N LEU A 164 -13.92 17.39 10.04
CA LEU A 164 -13.16 16.55 10.95
C LEU A 164 -13.03 17.10 12.37
N ARG A 165 -12.86 18.40 12.49
CA ARG A 165 -12.81 19.04 13.80
C ARG A 165 -14.13 18.83 14.56
N ALA A 166 -15.26 18.97 13.87
CA ALA A 166 -16.55 18.83 14.53
C ALA A 166 -16.76 17.37 14.94
N LEU A 167 -16.28 16.48 14.09
CA LEU A 167 -16.38 15.05 14.35
C LEU A 167 -15.55 14.66 15.59
N SER A 168 -14.39 15.29 15.75
CA SER A 168 -13.53 15.06 16.91
C SER A 168 -14.28 15.26 18.23
N LEU A 169 -14.95 16.40 18.36
CA LEU A 169 -15.62 16.77 19.61
C LEU A 169 -16.70 15.75 19.96
N GLU A 170 -17.42 15.30 18.94
CA GLU A 170 -18.46 14.27 19.08
C GLU A 170 -17.85 12.93 19.54
N VAL A 171 -16.77 12.52 18.89
CA VAL A 171 -16.13 11.25 19.25
C VAL A 171 -15.44 11.33 20.62
N ALA A 172 -14.91 12.49 20.98
CA ALA A 172 -14.36 12.69 22.30
C ALA A 172 -15.40 12.38 23.41
N GLU A 173 -16.64 12.87 23.22
CA GLU A 173 -17.70 12.64 24.22
C GLU A 173 -18.13 11.18 24.36
N GLU A 174 -18.21 10.48 23.23
CA GLU A 174 -18.49 9.05 23.22
C GLU A 174 -17.36 8.24 23.89
N ILE A 175 -16.12 8.64 23.68
CA ILE A 175 -14.98 7.96 24.29
C ILE A 175 -15.04 8.08 25.83
N ALA A 176 -15.45 9.26 26.29
CA ALA A 176 -15.57 9.51 27.72
C ALA A 176 -16.65 8.61 28.35
N ARG A 177 -17.80 8.48 27.69
CA ARG A 177 -18.85 7.56 28.13
C ARG A 177 -18.33 6.13 28.25
N LEU A 178 -17.55 5.70 27.27
CA LEU A 178 -17.06 4.32 27.26
C LEU A 178 -16.03 4.08 28.36
N GLU A 179 -15.05 4.98 28.50
CA GLU A 179 -14.04 4.77 29.52
C GLU A 179 -14.67 4.80 30.91
N ALA A 180 -15.63 5.70 31.12
CA ALA A 180 -16.30 5.85 32.42
C ALA A 180 -17.04 4.57 32.79
N GLU A 181 -17.73 4.00 31.81
CA GLU A 181 -18.43 2.75 32.02
C GLU A 181 -17.42 1.64 32.27
N VAL A 182 -16.32 1.63 31.52
CA VAL A 182 -15.28 0.62 31.71
C VAL A 182 -14.68 0.66 33.12
N PHE A 183 -14.38 1.86 33.62
CA PHE A 183 -13.84 2.00 34.98
C PHE A 183 -14.84 1.56 36.04
N ARG A 184 -16.11 1.92 35.84
CA ARG A 184 -17.17 1.52 36.76
C ARG A 184 -17.21 -0.01 36.86
N LEU A 185 -17.15 -0.69 35.72
CA LEU A 185 -17.26 -2.14 35.70
C LEU A 185 -16.03 -2.79 36.29
N ALA A 186 -14.90 -2.09 36.20
CA ALA A 186 -13.65 -2.58 36.77
C ALA A 186 -13.59 -2.27 38.28
N GLY A 187 -14.32 -1.23 38.69
CA GLY A 187 -14.32 -0.78 40.07
C GLY A 187 -13.30 0.29 40.38
N HIS A 188 -12.52 0.70 39.39
CA HIS A 188 -11.49 1.70 39.58
C HIS A 188 -10.97 2.16 38.22
N PRO A 189 -10.45 3.39 38.16
CA PRO A 189 -9.88 3.87 36.91
C PRO A 189 -8.48 3.31 36.72
N PHE A 190 -8.01 3.32 35.48
CA PHE A 190 -6.64 2.94 35.14
C PHE A 190 -6.40 3.50 33.74
N ASN A 191 -5.19 3.41 33.22
CA ASN A 191 -5.01 3.86 31.83
C ASN A 191 -5.53 2.78 30.90
N LEU A 192 -6.69 3.04 30.31
CA LEU A 192 -7.31 2.09 29.38
C LEU A 192 -6.51 1.98 28.06
N ASN A 193 -5.69 2.99 27.75
CA ASN A 193 -4.82 2.92 26.56
C ASN A 193 -3.65 1.95 26.75
N SER A 194 -3.38 1.57 27.99
CA SER A 194 -2.24 0.71 28.30
C SER A 194 -2.62 -0.75 28.35
N ARG A 195 -2.17 -1.52 27.37
CA ARG A 195 -2.53 -2.92 27.31
C ARG A 195 -1.97 -3.73 28.49
N ASP A 196 -0.90 -3.25 29.13
CA ASP A 196 -0.34 -3.94 30.32
C ASP A 196 -1.26 -3.78 31.51
N GLN A 197 -1.79 -2.58 31.68
CA GLN A 197 -2.74 -2.33 32.74
C GLN A 197 -4.06 -3.08 32.52
N LEU A 198 -4.56 -3.06 31.28
CA LEU A 198 -5.80 -3.77 30.94
C LEU A 198 -5.69 -5.29 31.15
N GLU A 199 -4.54 -5.86 30.87
CA GLU A 199 -4.34 -7.31 31.01
C GLU A 199 -4.51 -7.68 32.48
N ARG A 200 -3.91 -6.88 33.36
CA ARG A 200 -4.00 -7.12 34.79
C ARG A 200 -5.45 -7.02 35.26
N VAL A 201 -6.16 -6.00 34.79
CA VAL A 201 -7.57 -5.86 35.14
C VAL A 201 -8.39 -7.06 34.68
N LEU A 202 -8.27 -7.41 33.40
CA LEU A 202 -9.07 -8.49 32.83
C LEU A 202 -8.75 -9.85 33.44
N PHE A 203 -7.48 -10.22 33.50
CA PHE A 203 -7.10 -11.59 33.82
C PHE A 203 -6.72 -11.79 35.29
N ASP A 204 -6.26 -10.73 35.96
CA ASP A 204 -5.93 -10.84 37.37
C ASP A 204 -7.06 -10.35 38.29
N GLU A 205 -7.67 -9.22 37.96
CA GLU A 205 -8.72 -8.69 38.83
C GLU A 205 -10.11 -9.29 38.56
N LEU A 206 -10.54 -9.33 37.30
CA LEU A 206 -11.85 -9.92 36.96
C LEU A 206 -11.80 -11.44 36.78
N GLY A 207 -10.60 -12.00 36.73
CA GLY A 207 -10.46 -13.44 36.58
C GLY A 207 -11.08 -13.99 35.31
N LEU A 208 -10.93 -13.27 34.20
CA LEU A 208 -11.33 -13.79 32.90
C LEU A 208 -10.28 -14.78 32.41
N PRO A 209 -10.68 -15.76 31.58
CA PRO A 209 -9.68 -16.71 31.08
C PRO A 209 -8.82 -16.08 29.99
N ALA A 210 -7.52 -16.32 30.03
CA ALA A 210 -6.63 -15.88 28.96
C ALA A 210 -6.77 -16.81 27.75
N ILE A 211 -6.70 -16.25 26.55
CA ILE A 211 -6.94 -17.03 25.34
C ILE A 211 -5.64 -17.28 24.63
N GLY A 212 -4.84 -16.23 24.49
CA GLY A 212 -3.56 -16.33 23.83
C GLY A 212 -2.50 -15.44 24.45
N LYS A 213 -1.28 -15.61 23.94
CA LYS A 213 -0.10 -14.91 24.40
C LYS A 213 0.49 -14.04 23.30
N THR A 214 1.15 -12.96 23.70
CA THR A 214 1.82 -12.10 22.75
C THR A 214 3.16 -12.72 22.31
N GLU A 215 3.66 -12.27 21.18
CA GLU A 215 4.77 -12.93 20.51
C GLU A 215 6.14 -12.81 21.18
N LYS A 216 6.58 -11.58 21.42
CA LYS A 216 7.95 -11.35 21.86
C LYS A 216 8.10 -11.50 23.37
N THR A 217 7.09 -11.07 24.13
CA THR A 217 7.24 -11.04 25.59
C THR A 217 6.33 -12.04 26.34
N GLY A 218 5.48 -12.75 25.61
CA GLY A 218 4.67 -13.80 26.21
C GLY A 218 3.65 -13.30 27.24
N LYS A 219 3.14 -12.08 27.07
CA LYS A 219 2.10 -11.59 27.97
C LYS A 219 0.76 -12.13 27.50
N ARG A 220 -0.23 -12.09 28.37
CA ARG A 220 -1.58 -12.51 28.00
C ARG A 220 -2.14 -11.47 27.04
N SER A 221 -2.47 -11.88 25.82
CA SER A 221 -2.94 -10.95 24.79
C SER A 221 -4.30 -10.31 25.13
N THR A 222 -4.43 -9.01 24.85
CA THR A 222 -5.74 -8.34 24.91
C THR A 222 -6.23 -7.87 23.54
N SER A 223 -5.81 -8.57 22.49
CA SER A 223 -6.17 -8.16 21.14
C SER A 223 -7.66 -8.26 20.89
N ALA A 224 -8.11 -7.60 19.82
CA ALA A 224 -9.51 -7.65 19.40
C ALA A 224 -10.04 -9.07 19.30
N ALA A 225 -9.24 -9.97 18.71
CA ALA A 225 -9.68 -11.35 18.54
C ALA A 225 -9.89 -12.05 19.89
N VAL A 226 -8.99 -11.81 20.84
CA VAL A 226 -9.14 -12.36 22.19
C VAL A 226 -10.40 -11.81 22.86
N LEU A 227 -10.56 -10.49 22.80
CA LEU A 227 -11.73 -9.83 23.36
C LEU A 227 -13.02 -10.34 22.73
N GLU A 228 -12.99 -10.55 21.42
CA GLU A 228 -14.15 -11.09 20.73
C GLU A 228 -14.54 -12.44 21.32
N ALA A 229 -13.54 -13.26 21.62
CA ALA A 229 -13.78 -14.58 22.20
C ALA A 229 -14.35 -14.46 23.62
N LEU A 230 -14.11 -13.30 24.24
CA LEU A 230 -14.51 -13.07 25.63
C LEU A 230 -15.74 -12.19 25.74
N ARG A 231 -16.38 -11.91 24.61
CA ARG A 231 -17.53 -11.01 24.55
C ARG A 231 -18.69 -11.42 25.47
N GLU A 232 -18.94 -12.73 25.59
CA GLU A 232 -20.06 -13.23 26.38
C GLU A 232 -19.71 -13.32 27.87
N ALA A 233 -18.42 -13.22 28.17
CA ALA A 233 -17.91 -13.55 29.50
C ALA A 233 -18.05 -12.40 30.52
N HIS A 234 -18.07 -11.17 30.04
CA HIS A 234 -18.20 -10.03 30.93
C HIS A 234 -18.62 -8.80 30.15
N PRO A 235 -19.54 -8.00 30.73
CA PRO A 235 -20.05 -6.81 30.04
C PRO A 235 -18.98 -5.76 29.74
N ILE A 236 -17.84 -5.82 30.41
CA ILE A 236 -16.77 -4.87 30.19
C ILE A 236 -16.11 -5.06 28.82
N VAL A 237 -16.19 -6.28 28.29
CA VAL A 237 -15.43 -6.64 27.09
C VAL A 237 -15.88 -5.85 25.89
N GLU A 238 -17.19 -5.85 25.68
CA GLU A 238 -17.82 -5.11 24.58
C GLU A 238 -17.47 -3.62 24.64
N LYS A 239 -17.54 -3.04 25.84
CA LYS A 239 -17.23 -1.63 26.04
C LYS A 239 -15.79 -1.35 25.62
N ILE A 240 -14.91 -2.29 25.94
CA ILE A 240 -13.50 -2.18 25.61
C ILE A 240 -13.30 -2.21 24.09
N LEU A 241 -14.08 -3.07 23.41
CA LEU A 241 -13.97 -3.17 21.95
C LEU A 241 -14.37 -1.86 21.29
N GLN A 242 -15.48 -1.27 21.73
CA GLN A 242 -15.93 0.00 21.17
C GLN A 242 -14.94 1.13 21.46
N TYR A 243 -14.39 1.16 22.69
CA TYR A 243 -13.35 2.12 23.06
C TYR A 243 -12.12 2.02 22.14
N ARG A 244 -11.71 0.79 21.85
CA ARG A 244 -10.53 0.53 21.00
C ARG A 244 -10.77 1.11 19.61
N GLU A 245 -11.99 0.90 19.10
CA GLU A 245 -12.34 1.35 17.76
C GLU A 245 -12.30 2.88 17.66
N LEU A 246 -13.00 3.54 18.56
CA LEU A 246 -13.07 5.00 18.57
C LEU A 246 -11.71 5.67 18.78
N THR A 247 -10.93 5.19 19.76
CA THR A 247 -9.63 5.80 20.02
C THR A 247 -8.63 5.52 18.89
N LYS A 248 -8.73 4.36 18.26
CA LYS A 248 -7.85 4.06 17.13
C LYS A 248 -8.11 5.08 16.02
N LEU A 249 -9.39 5.30 15.73
CA LEU A 249 -9.80 6.19 14.65
C LEU A 249 -9.49 7.64 14.97
N LYS A 250 -9.78 8.06 16.20
CA LYS A 250 -9.55 9.44 16.63
C LYS A 250 -8.06 9.82 16.65
N SER A 251 -7.23 8.98 17.25
CA SER A 251 -5.81 9.28 17.36
C SER A 251 -5.03 9.07 16.04
N THR A 252 -5.54 8.22 15.16
CA THR A 252 -4.82 7.93 13.92
C THR A 252 -5.25 8.83 12.73
N TYR A 253 -6.53 9.24 12.69
CA TYR A 253 -7.04 9.96 11.52
C TYR A 253 -7.70 11.28 11.87
N ILE A 254 -8.66 11.24 12.79
CA ILE A 254 -9.47 12.44 13.04
C ILE A 254 -8.63 13.59 13.56
N ASP A 255 -7.75 13.32 14.53
CA ASP A 255 -6.93 14.39 15.09
C ASP A 255 -5.69 14.80 14.24
N PRO A 256 -4.87 13.83 13.80
CA PRO A 256 -3.68 14.29 13.06
C PRO A 256 -3.92 14.83 11.64
N LEU A 257 -4.79 14.21 10.84
CA LEU A 257 -4.99 14.69 9.46
C LEU A 257 -5.19 16.22 9.28
N PRO A 258 -6.10 16.84 10.06
CA PRO A 258 -6.31 18.28 9.87
C PRO A 258 -5.07 19.16 10.04
N ASP A 259 -4.09 18.71 10.83
CA ASP A 259 -2.85 19.48 11.03
C ASP A 259 -1.81 19.29 9.93
N LEU A 260 -2.09 18.42 8.95
CA LEU A 260 -1.14 18.12 7.88
C LEU A 260 -1.47 18.82 6.56
N ILE A 261 -2.50 19.65 6.57
CA ILE A 261 -2.85 20.44 5.40
C ILE A 261 -1.69 21.36 5.04
N HIS A 262 -1.22 21.31 3.81
CA HIS A 262 -0.15 22.19 3.39
C HIS A 262 -0.71 23.61 3.23
N PRO A 263 0.03 24.61 3.75
CA PRO A 263 -0.39 26.02 3.71
C PRO A 263 -0.54 26.56 2.28
N ARG A 264 0.38 26.16 1.39
CA ARG A 264 0.32 26.61 0.02
C ARG A 264 -0.83 25.97 -0.76
N THR A 265 -1.00 24.65 -0.65
CA THR A 265 -1.97 23.94 -1.49
C THR A 265 -3.36 23.82 -0.87
N GLY A 266 -3.44 23.83 0.45
CA GLY A 266 -4.70 23.58 1.12
C GLY A 266 -5.06 22.10 1.07
N ARG A 267 -4.10 21.26 0.70
CA ARG A 267 -4.38 19.84 0.52
C ARG A 267 -3.43 18.93 1.32
N LEU A 268 -3.78 17.65 1.37
CA LEU A 268 -3.00 16.63 2.08
C LEU A 268 -2.04 15.96 1.09
N HIS A 269 -0.77 15.85 1.43
CA HIS A 269 0.23 15.30 0.52
C HIS A 269 0.98 14.10 1.09
N THR A 270 0.64 12.89 0.66
CA THR A 270 1.34 11.67 1.12
C THR A 270 2.59 11.46 0.28
N ARG A 271 3.39 10.48 0.67
CA ARG A 271 4.53 10.06 -0.12
C ARG A 271 4.23 8.68 -0.64
N PHE A 272 4.47 8.45 -1.93
CA PHE A 272 4.29 7.14 -2.51
C PHE A 272 5.64 6.43 -2.63
N ASN A 273 5.95 5.60 -1.64
CA ASN A 273 7.26 4.97 -1.56
C ASN A 273 7.36 3.84 -2.59
N GLN A 274 8.41 3.91 -3.42
CA GLN A 274 8.49 3.06 -4.59
C GLN A 274 9.39 1.84 -4.36
N THR A 275 10.24 1.88 -3.33
CA THR A 275 11.12 0.74 -3.04
C THR A 275 10.96 0.29 -1.60
N ALA A 276 9.74 -0.09 -1.21
CA ALA A 276 9.45 -0.32 0.20
C ALA A 276 8.86 -1.68 0.55
N THR A 277 8.35 -2.42 -0.45
CA THR A 277 7.72 -3.72 -0.18
C THR A 277 8.46 -4.91 -0.82
N ALA A 278 8.26 -6.11 -0.26
CA ALA A 278 8.92 -7.31 -0.76
C ALA A 278 8.26 -7.84 -2.03
N THR A 279 7.05 -7.37 -2.33
CA THR A 279 6.27 -7.95 -3.43
C THR A 279 6.21 -7.07 -4.69
N GLY A 280 6.57 -5.80 -4.53
CA GLY A 280 6.49 -4.86 -5.63
C GLY A 280 5.32 -3.90 -5.50
N ARG A 281 4.53 -4.06 -4.44
CA ARG A 281 3.52 -3.06 -4.12
C ARG A 281 4.17 -1.70 -3.80
N LEU A 282 3.42 -0.63 -3.98
CA LEU A 282 3.81 0.66 -3.40
C LEU A 282 3.50 0.63 -1.90
N SER A 283 4.04 1.60 -1.17
CA SER A 283 3.51 1.89 0.16
C SER A 283 3.26 3.39 0.21
N SER A 284 2.59 3.83 1.27
CA SER A 284 2.25 5.24 1.41
C SER A 284 2.53 5.70 2.84
N SER A 285 3.20 6.85 2.99
CA SER A 285 3.50 7.35 4.34
C SER A 285 3.49 8.88 4.48
N ASP A 286 3.44 9.34 5.73
CA ASP A 286 3.60 10.74 6.08
C ASP A 286 2.65 11.75 5.41
N PRO A 287 1.33 11.58 5.54
CA PRO A 287 0.60 10.51 6.22
C PRO A 287 0.38 9.33 5.31
N ASN A 288 0.09 8.17 5.89
CA ASN A 288 -0.34 7.02 5.11
C ASN A 288 -1.79 7.25 4.66
N LEU A 289 -2.02 7.32 3.34
CA LEU A 289 -3.37 7.49 2.81
C LEU A 289 -3.86 6.21 2.14
N GLN A 290 -3.11 5.13 2.29
CA GLN A 290 -3.55 3.83 1.82
C GLN A 290 -4.30 3.03 2.92
N ASN A 291 -4.47 3.62 4.10
CA ASN A 291 -5.17 2.95 5.18
C ASN A 291 -6.25 3.84 5.80
N ILE A 292 -6.86 4.70 4.99
CA ILE A 292 -7.97 5.51 5.45
C ILE A 292 -9.18 4.59 5.68
N PRO A 293 -9.88 4.76 6.83
CA PRO A 293 -10.97 3.89 7.26
C PRO A 293 -12.12 3.85 6.27
N VAL A 294 -12.86 2.75 6.27
CA VAL A 294 -13.95 2.59 5.33
C VAL A 294 -14.97 1.53 5.79
N ARG A 295 -14.57 0.68 6.72
CA ARG A 295 -15.37 -0.52 7.02
C ARG A 295 -16.50 -0.36 8.04
N THR A 296 -16.26 0.42 9.09
CA THR A 296 -17.27 0.63 10.14
C THR A 296 -17.97 1.99 9.97
N PRO A 297 -19.09 2.22 10.68
CA PRO A 297 -19.77 3.51 10.49
C PRO A 297 -18.90 4.76 10.76
N LEU A 298 -18.17 4.77 11.87
CA LEU A 298 -17.30 5.90 12.14
C LEU A 298 -16.21 6.00 11.05
N GLY A 299 -15.72 4.86 10.59
CA GLY A 299 -14.70 4.84 9.55
C GLY A 299 -15.21 5.50 8.28
N GLN A 300 -16.42 5.13 7.88
CA GLN A 300 -17.08 5.71 6.71
C GLN A 300 -17.21 7.22 6.83
N ARG A 301 -17.54 7.69 8.04
CA ARG A 301 -17.63 9.12 8.30
C ARG A 301 -16.29 9.82 8.12
N ILE A 302 -15.21 9.14 8.47
CA ILE A 302 -13.88 9.72 8.26
C ILE A 302 -13.53 9.80 6.77
N ARG A 303 -13.82 8.73 6.03
CA ARG A 303 -13.53 8.69 4.61
C ARG A 303 -14.26 9.81 3.82
N ARG A 304 -15.44 10.18 4.30
N ARG A 304 -15.44 10.18 4.31
CA ARG A 304 -16.23 11.27 3.71
CA ARG A 304 -16.23 11.26 3.73
C ARG A 304 -15.47 12.60 3.70
C ARG A 304 -15.53 12.61 3.77
N ALA A 305 -14.49 12.72 4.59
CA ALA A 305 -13.73 13.97 4.72
C ALA A 305 -12.82 14.21 3.50
N PHE A 306 -12.61 13.17 2.70
CA PHE A 306 -11.78 13.27 1.50
C PHE A 306 -12.67 13.63 0.34
N ILE A 307 -12.50 14.84 -0.17
CA ILE A 307 -13.42 15.46 -1.11
C ILE A 307 -12.73 16.07 -2.36
N ALA A 308 -13.51 16.33 -3.40
CA ALA A 308 -13.01 17.00 -4.60
C ALA A 308 -12.83 18.51 -4.42
N GLU A 309 -11.98 19.12 -5.26
CA GLU A 309 -11.94 20.57 -5.37
C GLU A 309 -13.32 21.03 -5.84
N GLU A 310 -13.75 22.22 -5.42
CA GLU A 310 -15.02 22.78 -5.85
CA GLU A 310 -15.04 22.70 -5.85
C GLU A 310 -15.09 22.83 -7.37
N GLY A 311 -16.15 22.27 -7.95
CA GLY A 311 -16.32 22.26 -9.38
C GLY A 311 -15.80 20.98 -9.99
N TRP A 312 -15.23 20.12 -9.17
CA TRP A 312 -14.68 18.86 -9.65
C TRP A 312 -15.38 17.69 -8.95
N LEU A 313 -15.14 16.48 -9.46
CA LEU A 313 -15.61 15.26 -8.83
C LEU A 313 -14.47 14.25 -8.67
N LEU A 314 -14.54 13.40 -7.64
CA LEU A 314 -13.63 12.27 -7.52
C LEU A 314 -14.14 11.11 -8.36
N VAL A 315 -13.21 10.34 -8.91
CA VAL A 315 -13.55 9.11 -9.60
C VAL A 315 -12.71 7.98 -8.98
N ALA A 316 -13.35 6.95 -8.46
CA ALA A 316 -12.61 5.82 -7.89
C ALA A 316 -12.84 4.56 -8.73
N LEU A 317 -11.74 3.90 -9.08
CA LEU A 317 -11.78 2.68 -9.86
C LEU A 317 -11.07 1.57 -9.10
N ASP A 318 -11.68 0.39 -9.06
CA ASP A 318 -11.18 -0.69 -8.23
C ASP A 318 -11.28 -2.02 -9.00
N TYR A 319 -10.15 -2.69 -9.19
CA TYR A 319 -10.16 -3.99 -9.88
C TYR A 319 -11.02 -5.00 -9.14
N SER A 320 -11.81 -5.76 -9.90
CA SER A 320 -12.68 -6.77 -9.33
C SER A 320 -11.90 -8.05 -9.03
N GLN A 321 -12.01 -8.55 -7.79
CA GLN A 321 -11.45 -9.84 -7.37
C GLN A 321 -10.04 -10.04 -7.90
N ILE A 322 -9.20 -9.01 -7.77
CA ILE A 322 -8.02 -8.92 -8.64
C ILE A 322 -7.01 -10.05 -8.47
N GLU A 323 -6.65 -10.38 -7.24
CA GLU A 323 -5.64 -11.43 -7.05
C GLU A 323 -6.16 -12.82 -7.42
N LEU A 324 -7.48 -13.00 -7.41
CA LEU A 324 -8.07 -14.26 -7.84
C LEU A 324 -7.98 -14.38 -9.35
N ARG A 325 -8.20 -13.27 -10.06
CA ARG A 325 -8.07 -13.25 -11.50
C ARG A 325 -6.63 -13.58 -11.90
N VAL A 326 -5.68 -12.97 -11.20
CA VAL A 326 -4.25 -13.20 -11.46
C VAL A 326 -3.89 -14.66 -11.23
N LEU A 327 -4.35 -15.20 -10.11
CA LEU A 327 -4.14 -16.60 -9.78
C LEU A 327 -4.70 -17.52 -10.88
N ALA A 328 -5.84 -17.17 -11.45
CA ALA A 328 -6.40 -17.94 -12.57
C ALA A 328 -5.41 -17.97 -13.73
N HIS A 329 -4.82 -16.83 -14.06
CA HIS A 329 -3.84 -16.75 -15.13
C HIS A 329 -2.54 -17.50 -14.81
N LEU A 330 -1.96 -17.28 -13.64
CA LEU A 330 -0.72 -17.96 -13.25
C LEU A 330 -0.85 -19.48 -13.12
N SER A 331 -1.97 -19.95 -12.58
CA SER A 331 -2.13 -21.37 -12.29
C SER A 331 -2.66 -22.14 -13.48
N GLY A 332 -3.48 -21.47 -14.29
CA GLY A 332 -4.07 -22.11 -15.46
C GLY A 332 -5.21 -23.03 -15.09
N ASP A 333 -5.74 -22.88 -13.87
CA ASP A 333 -6.86 -23.72 -13.43
C ASP A 333 -8.11 -23.44 -14.25
N GLU A 334 -8.54 -24.45 -14.99
CA GLU A 334 -9.68 -24.36 -15.89
C GLU A 334 -10.94 -23.87 -15.18
N ASN A 335 -11.24 -24.47 -14.03
CA ASN A 335 -12.41 -24.11 -13.25
C ASN A 335 -12.43 -22.64 -12.86
N LEU A 336 -11.29 -22.16 -12.35
CA LEU A 336 -11.13 -20.77 -11.97
C LEU A 336 -11.29 -19.83 -13.18
N ILE A 337 -10.68 -20.18 -14.30
CA ILE A 337 -10.83 -19.39 -15.53
C ILE A 337 -12.30 -19.35 -15.95
N ARG A 338 -12.97 -20.49 -15.85
CA ARG A 338 -14.38 -20.60 -16.19
C ARG A 338 -15.24 -19.66 -15.35
N VAL A 339 -14.91 -19.52 -14.07
CA VAL A 339 -15.63 -18.62 -13.18
C VAL A 339 -15.67 -17.20 -13.73
N PHE A 340 -14.50 -16.70 -14.12
CA PHE A 340 -14.38 -15.33 -14.61
C PHE A 340 -14.91 -15.14 -16.05
N GLN A 341 -14.74 -16.14 -16.91
CA GLN A 341 -15.32 -16.09 -18.25
C GLN A 341 -16.86 -16.15 -18.21
N GLU A 342 -17.42 -16.60 -17.09
CA GLU A 342 -18.86 -16.64 -16.93
C GLU A 342 -19.41 -15.44 -16.13
N GLY A 343 -18.51 -14.55 -15.70
CA GLY A 343 -18.92 -13.37 -14.98
C GLY A 343 -19.38 -13.64 -13.55
N ARG A 344 -18.89 -14.73 -12.96
CA ARG A 344 -19.24 -15.08 -11.59
C ARG A 344 -18.39 -14.36 -10.56
N ASP A 345 -18.74 -14.53 -9.29
CA ASP A 345 -18.11 -13.79 -8.19
C ASP A 345 -17.82 -14.71 -7.00
N ILE A 346 -16.53 -14.98 -6.78
CA ILE A 346 -16.09 -15.87 -5.71
C ILE A 346 -16.41 -15.32 -4.31
N HIS A 347 -16.22 -14.02 -4.12
CA HIS A 347 -16.57 -13.38 -2.85
C HIS A 347 -18.05 -13.54 -2.54
N THR A 348 -18.89 -13.31 -3.54
CA THR A 348 -20.33 -13.42 -3.36
C THR A 348 -20.73 -14.86 -3.03
N GLU A 349 -20.07 -15.80 -3.71
CA GLU A 349 -20.41 -17.22 -3.55
C GLU A 349 -20.02 -17.73 -2.16
N THR A 350 -18.85 -17.33 -1.70
CA THR A 350 -18.45 -17.64 -0.32
C THR A 350 -19.43 -16.99 0.68
N ALA A 351 -19.85 -15.75 0.41
CA ALA A 351 -20.81 -15.08 1.27
C ALA A 351 -22.12 -15.86 1.40
N SER A 352 -22.54 -16.47 0.29
CA SER A 352 -23.78 -17.25 0.28
C SER A 352 -23.69 -18.46 1.22
N TRP A 353 -22.52 -19.07 1.27
CA TRP A 353 -22.27 -20.17 2.19
C TRP A 353 -22.19 -19.67 3.62
N MET A 354 -21.41 -18.62 3.83
CA MET A 354 -21.15 -18.09 5.17
C MET A 354 -22.42 -17.73 5.94
N PHE A 355 -23.38 -17.13 5.23
CA PHE A 355 -24.58 -16.59 5.86
C PHE A 355 -25.80 -17.46 5.58
N GLY A 356 -25.59 -18.51 4.81
CA GLY A 356 -26.66 -19.45 4.50
C GLY A 356 -27.77 -18.79 3.71
N VAL A 357 -27.42 -18.09 2.64
CA VAL A 357 -28.43 -17.48 1.77
C VAL A 357 -28.11 -17.77 0.30
N PRO A 358 -29.13 -17.65 -0.58
CA PRO A 358 -28.90 -17.78 -2.03
C PRO A 358 -28.02 -16.66 -2.55
N ARG A 359 -27.34 -16.88 -3.68
CA ARG A 359 -26.42 -15.90 -4.23
C ARG A 359 -27.10 -14.56 -4.51
N GLU A 360 -28.37 -14.61 -4.89
CA GLU A 360 -29.13 -13.42 -5.24
C GLU A 360 -29.42 -12.55 -4.02
N ALA A 361 -29.45 -13.18 -2.86
CA ALA A 361 -29.76 -12.50 -1.61
C ALA A 361 -28.52 -12.22 -0.75
N VAL A 362 -27.44 -11.79 -1.39
CA VAL A 362 -26.23 -11.40 -0.67
C VAL A 362 -26.07 -9.89 -0.75
N ASP A 363 -25.99 -9.23 0.40
CA ASP A 363 -25.82 -7.78 0.42
C ASP A 363 -24.33 -7.48 0.35
N PRO A 364 -23.97 -6.21 0.05
CA PRO A 364 -22.53 -5.88 -0.03
C PRO A 364 -21.76 -6.21 1.24
N LEU A 365 -22.36 -6.01 2.41
CA LEU A 365 -21.67 -6.29 3.66
C LEU A 365 -21.27 -7.76 3.74
N MET A 366 -22.16 -8.64 3.28
CA MET A 366 -21.94 -10.08 3.30
C MET A 366 -20.78 -10.47 2.38
N ARG A 367 -20.80 -9.92 1.17
CA ARG A 367 -19.74 -10.13 0.21
C ARG A 367 -18.38 -9.71 0.77
N ARG A 368 -18.35 -8.59 1.48
CA ARG A 368 -17.10 -8.01 1.96
C ARG A 368 -16.50 -8.76 3.14
N ALA A 369 -17.35 -9.29 4.01
CA ALA A 369 -16.89 -10.13 5.10
C ALA A 369 -16.26 -11.40 4.53
N ALA A 370 -16.75 -11.83 3.36
CA ALA A 370 -16.28 -13.04 2.71
C ALA A 370 -14.91 -12.92 2.03
N LYS A 371 -14.50 -11.69 1.70
CA LYS A 371 -13.24 -11.46 0.99
C LYS A 371 -12.07 -11.79 1.87
N THR A 372 -12.16 -11.35 3.12
CA THR A 372 -11.14 -11.65 4.11
C THR A 372 -11.02 -13.16 4.32
N ILE A 373 -12.15 -13.85 4.24
CA ILE A 373 -12.17 -15.31 4.33
C ILE A 373 -11.50 -15.96 3.11
N ASN A 374 -11.83 -15.47 1.92
CA ASN A 374 -11.32 -16.04 0.67
C ASN A 374 -9.79 -15.96 0.52
N PHE A 375 -9.21 -14.82 0.88
CA PHE A 375 -7.75 -14.68 0.80
C PHE A 375 -7.03 -15.33 1.98
N GLY A 376 -7.68 -15.30 3.14
CA GLY A 376 -7.11 -15.94 4.31
C GLY A 376 -6.88 -17.40 3.97
N VAL A 377 -7.90 -18.04 3.43
CA VAL A 377 -7.81 -19.45 3.09
C VAL A 377 -6.81 -19.69 1.96
N LEU A 378 -6.88 -18.88 0.90
CA LEU A 378 -5.96 -19.04 -0.22
C LEU A 378 -4.51 -19.01 0.24
N TYR A 379 -4.18 -18.06 1.10
CA TYR A 379 -2.80 -17.85 1.53
C TYR A 379 -2.40 -18.63 2.79
N GLY A 380 -3.27 -19.55 3.24
CA GLY A 380 -2.85 -20.57 4.20
C GLY A 380 -3.41 -20.56 5.62
N MET A 381 -4.48 -19.80 5.86
CA MET A 381 -5.13 -19.75 7.17
C MET A 381 -5.47 -21.16 7.68
N SER A 382 -5.35 -21.39 8.99
CA SER A 382 -5.61 -22.70 9.56
C SER A 382 -7.10 -22.91 9.81
N ALA A 383 -7.50 -24.17 9.91
CA ALA A 383 -8.89 -24.51 10.21
C ALA A 383 -9.30 -23.90 11.55
N HIS A 384 -8.41 -24.03 12.53
CA HIS A 384 -8.64 -23.49 13.87
C HIS A 384 -9.01 -22.02 13.80
N ARG A 385 -8.17 -21.22 13.14
CA ARG A 385 -8.44 -19.80 13.04
C ARG A 385 -9.75 -19.53 12.32
N LEU A 386 -9.96 -20.21 11.20
CA LEU A 386 -11.21 -20.09 10.47
C LEU A 386 -12.45 -20.40 11.33
N SER A 387 -12.37 -21.49 12.09
CA SER A 387 -13.53 -21.86 12.89
C SER A 387 -13.79 -20.79 13.93
N GLN A 388 -12.71 -20.19 14.45
CA GLN A 388 -12.87 -19.17 15.48
C GLN A 388 -13.36 -17.86 14.89
N GLU A 389 -12.94 -17.53 13.68
CA GLU A 389 -13.37 -16.30 13.05
C GLU A 389 -14.85 -16.36 12.63
N LEU A 390 -15.29 -17.53 12.19
CA LEU A 390 -16.66 -17.69 11.69
C LEU A 390 -17.59 -18.18 12.78
N ALA A 391 -17.02 -18.53 13.94
CA ALA A 391 -17.78 -19.13 15.03
C ALA A 391 -18.53 -20.39 14.61
N ILE A 392 -17.89 -21.21 13.77
CA ILE A 392 -18.43 -22.50 13.38
C ILE A 392 -17.56 -23.63 13.94
N PRO A 393 -18.06 -24.89 13.92
CA PRO A 393 -17.22 -25.97 14.44
C PRO A 393 -15.93 -26.15 13.64
N TYR A 394 -14.90 -26.65 14.31
CA TYR A 394 -13.58 -26.84 13.71
C TYR A 394 -13.66 -27.65 12.41
N GLU A 395 -14.38 -28.77 12.46
CA GLU A 395 -14.45 -29.66 11.30
C GLU A 395 -15.26 -29.09 10.14
N GLU A 396 -16.09 -28.09 10.43
CA GLU A 396 -16.81 -27.36 9.39
C GLU A 396 -15.85 -26.43 8.66
N ALA A 397 -14.94 -25.81 9.42
CA ALA A 397 -13.89 -24.96 8.85
C ALA A 397 -12.92 -25.79 8.00
N GLN A 398 -12.59 -26.99 8.47
CA GLN A 398 -11.72 -27.92 7.77
C GLN A 398 -12.35 -28.29 6.42
N ALA A 399 -13.64 -28.61 6.45
CA ALA A 399 -14.40 -28.95 5.25
C ALA A 399 -14.41 -27.81 4.23
N PHE A 400 -14.64 -26.59 4.70
CA PHE A 400 -14.64 -25.41 3.80
C PHE A 400 -13.34 -25.27 3.02
N ILE A 401 -12.23 -25.40 3.74
CA ILE A 401 -10.89 -25.28 3.15
C ILE A 401 -10.60 -26.41 2.13
N GLU A 402 -11.03 -27.62 2.45
CA GLU A 402 -10.89 -28.78 1.57
C GLU A 402 -11.65 -28.57 0.26
N ARG A 403 -12.94 -28.26 0.37
CA ARG A 403 -13.78 -27.97 -0.80
C ARG A 403 -13.22 -26.82 -1.63
N TYR A 404 -12.73 -25.79 -0.96
CA TYR A 404 -12.18 -24.59 -1.59
C TYR A 404 -11.09 -24.95 -2.61
N PHE A 405 -10.12 -25.76 -2.19
CA PHE A 405 -9.02 -26.11 -3.08
C PHE A 405 -9.38 -27.24 -4.04
N GLN A 406 -10.28 -28.12 -3.64
CA GLN A 406 -10.65 -29.22 -4.51
C GLN A 406 -11.49 -28.68 -5.68
N SER A 407 -12.16 -27.56 -5.48
CA SER A 407 -12.97 -26.99 -6.54
C SER A 407 -12.09 -26.26 -7.56
N PHE A 408 -10.90 -25.85 -7.12
CA PHE A 408 -9.89 -25.26 -8.01
C PHE A 408 -8.60 -26.07 -8.00
N PRO A 409 -8.64 -27.27 -8.57
CA PRO A 409 -7.60 -28.31 -8.45
C PRO A 409 -6.17 -27.88 -8.78
N LYS A 410 -5.98 -27.01 -9.78
CA LYS A 410 -4.62 -26.65 -10.23
C LYS A 410 -3.93 -25.62 -9.33
N VAL A 411 -4.68 -25.00 -8.44
CA VAL A 411 -4.10 -23.97 -7.59
C VAL A 411 -3.03 -24.58 -6.70
N ARG A 412 -3.32 -25.74 -6.13
CA ARG A 412 -2.35 -26.42 -5.27
C ARG A 412 -1.12 -26.87 -6.05
N ALA A 413 -1.32 -27.30 -7.30
CA ALA A 413 -0.20 -27.71 -8.13
C ALA A 413 0.71 -26.53 -8.43
N TRP A 414 0.09 -25.39 -8.74
CA TRP A 414 0.84 -24.17 -9.00
C TRP A 414 1.66 -23.76 -7.78
N ILE A 415 1.06 -23.86 -6.60
CA ILE A 415 1.76 -23.53 -5.38
C ILE A 415 3.00 -24.41 -5.22
N GLU A 416 2.82 -25.72 -5.37
CA GLU A 416 3.91 -26.70 -5.27
C GLU A 416 5.04 -26.45 -6.28
N LYS A 417 4.68 -26.14 -7.52
CA LYS A 417 5.67 -25.80 -8.52
C LYS A 417 6.42 -24.54 -8.11
N THR A 418 5.66 -23.54 -7.66
CA THR A 418 6.26 -22.27 -7.30
C THR A 418 7.30 -22.48 -6.18
N LEU A 419 6.95 -23.25 -5.17
CA LEU A 419 7.88 -23.49 -4.05
C LEU A 419 9.10 -24.30 -4.47
N GLU A 420 8.88 -25.32 -5.28
CA GLU A 420 9.97 -26.15 -5.80
C GLU A 420 10.97 -25.26 -6.53
N GLU A 421 10.46 -24.40 -7.40
CA GLU A 421 11.32 -23.53 -8.18
C GLU A 421 12.03 -22.51 -7.28
N GLY A 422 11.33 -22.06 -6.24
CA GLY A 422 11.92 -21.16 -5.27
C GLY A 422 13.05 -21.78 -4.46
N ARG A 423 13.01 -23.10 -4.26
CA ARG A 423 14.09 -23.76 -3.53
C ARG A 423 15.37 -23.85 -4.36
N ARG A 424 15.23 -24.23 -5.63
CA ARG A 424 16.37 -24.32 -6.54
C ARG A 424 16.99 -22.95 -6.87
N ARG A 425 16.16 -22.01 -7.29
CA ARG A 425 16.64 -20.70 -7.73
C ARG A 425 17.02 -19.77 -6.58
N GLY A 426 16.30 -19.90 -5.46
CA GLY A 426 16.52 -19.01 -4.33
C GLY A 426 15.57 -17.84 -4.35
N TYR A 427 14.80 -17.72 -5.44
CA TYR A 427 13.84 -16.63 -5.58
C TYR A 427 12.58 -17.08 -6.30
N VAL A 428 11.51 -16.29 -6.16
CA VAL A 428 10.27 -16.48 -6.90
C VAL A 428 9.98 -15.22 -7.70
N GLU A 429 9.09 -15.32 -8.67
CA GLU A 429 8.88 -14.18 -9.56
C GLU A 429 7.44 -14.00 -9.99
N THR A 430 7.11 -12.78 -10.37
CA THR A 430 5.79 -12.45 -10.89
C THR A 430 5.75 -12.75 -12.38
N LEU A 431 4.58 -12.53 -12.97
CA LEU A 431 4.35 -12.74 -14.40
C LEU A 431 5.36 -11.96 -15.25
N PHE A 432 5.80 -10.80 -14.77
CA PHE A 432 6.73 -9.98 -15.55
C PHE A 432 8.20 -10.18 -15.17
N GLY A 433 8.48 -11.05 -14.21
CA GLY A 433 9.84 -11.36 -13.80
C GLY A 433 10.35 -10.54 -12.61
N ARG A 434 9.45 -9.88 -11.89
CA ARG A 434 9.89 -9.22 -10.67
C ARG A 434 10.27 -10.34 -9.69
N ARG A 435 11.44 -10.23 -9.04
CA ARG A 435 11.94 -11.28 -8.15
C ARG A 435 11.84 -10.96 -6.66
N ARG A 436 11.66 -12.00 -5.85
CA ARG A 436 11.84 -11.91 -4.40
C ARG A 436 12.64 -13.11 -3.95
N TYR A 437 13.74 -12.86 -3.25
CA TYR A 437 14.55 -13.94 -2.71
C TYR A 437 13.96 -14.47 -1.41
N VAL A 438 13.82 -15.79 -1.30
CA VAL A 438 13.33 -16.40 -0.08
C VAL A 438 14.24 -17.58 0.31
N PRO A 439 15.39 -17.27 0.92
CA PRO A 439 16.33 -18.31 1.33
C PRO A 439 15.73 -19.27 2.37
N ASP A 440 14.81 -18.80 3.19
CA ASP A 440 14.24 -19.63 4.25
C ASP A 440 13.32 -20.75 3.77
N LEU A 441 13.20 -20.91 2.45
CA LEU A 441 12.57 -22.09 1.86
C LEU A 441 13.38 -23.36 2.14
N GLU A 442 14.65 -23.19 2.47
CA GLU A 442 15.55 -24.29 2.78
C GLU A 442 15.79 -24.41 4.28
N ALA A 443 15.10 -23.60 5.08
CA ALA A 443 15.30 -23.67 6.53
C ALA A 443 14.97 -25.06 7.09
N ARG A 444 15.73 -25.51 8.09
CA ARG A 444 15.58 -26.83 8.69
C ARG A 444 14.59 -26.81 9.86
N VAL A 445 14.07 -25.64 10.18
CA VAL A 445 13.06 -25.51 11.23
C VAL A 445 11.71 -25.37 10.55
N LYS A 446 10.79 -26.30 10.81
CA LYS A 446 9.55 -26.36 10.03
C LYS A 446 8.72 -25.07 10.08
N SER A 447 8.60 -24.49 11.27
CA SER A 447 7.78 -23.30 11.43
C SER A 447 8.32 -22.11 10.61
N VAL A 448 9.65 -22.01 10.54
CA VAL A 448 10.33 -20.98 9.75
C VAL A 448 10.16 -21.23 8.26
N ARG A 449 10.48 -22.44 7.83
CA ARG A 449 10.32 -22.86 6.45
C ARG A 449 8.89 -22.63 5.95
N GLU A 450 7.92 -23.01 6.77
CA GLU A 450 6.53 -22.92 6.34
C GLU A 450 6.03 -21.46 6.28
N ALA A 451 6.53 -20.60 7.16
CA ALA A 451 6.25 -19.16 7.02
C ALA A 451 6.90 -18.63 5.75
N ALA A 452 8.11 -19.09 5.46
CA ALA A 452 8.79 -18.68 4.24
C ALA A 452 7.98 -19.10 3.01
N GLU A 453 7.40 -20.30 3.08
CA GLU A 453 6.62 -20.84 1.98
C GLU A 453 5.39 -20.00 1.68
N ARG A 454 4.72 -19.52 2.72
CA ARG A 454 3.54 -18.67 2.56
C ARG A 454 3.93 -17.33 1.97
N MET A 455 5.08 -16.79 2.38
CA MET A 455 5.59 -15.55 1.79
C MET A 455 5.88 -15.76 0.30
N ALA A 456 6.42 -16.94 -0.03
CA ALA A 456 6.91 -17.21 -1.37
C ALA A 456 5.81 -17.38 -2.40
N PHE A 457 4.80 -18.19 -2.09
CA PHE A 457 3.75 -18.41 -3.09
C PHE A 457 2.77 -17.23 -3.18
N ASN A 458 2.75 -16.38 -2.17
CA ASN A 458 1.90 -15.18 -2.22
C ASN A 458 2.49 -14.14 -3.16
N MET A 459 3.82 -14.07 -3.17
CA MET A 459 4.52 -13.01 -3.90
C MET A 459 4.18 -12.90 -5.40
N PRO A 460 4.22 -14.01 -6.14
CA PRO A 460 3.84 -13.90 -7.56
C PRO A 460 2.42 -13.38 -7.75
N VAL A 461 1.51 -13.74 -6.86
CA VAL A 461 0.13 -13.30 -7.01
C VAL A 461 -0.05 -11.82 -6.69
N GLN A 462 0.32 -11.44 -5.47
CA GLN A 462 0.22 -10.04 -5.05
C GLN A 462 1.10 -9.16 -5.93
N GLY A 463 2.28 -9.67 -6.30
CA GLY A 463 3.23 -8.91 -7.08
C GLY A 463 2.79 -8.70 -8.53
N THR A 464 2.20 -9.73 -9.14
CA THR A 464 1.67 -9.57 -10.49
C THR A 464 0.55 -8.54 -10.51
N ALA A 465 -0.34 -8.60 -9.52
CA ALA A 465 -1.40 -7.59 -9.39
C ALA A 465 -0.78 -6.19 -9.29
N ALA A 466 0.32 -6.08 -8.54
CA ALA A 466 1.03 -4.80 -8.41
C ALA A 466 1.61 -4.34 -9.74
N ASP A 467 2.22 -5.26 -10.49
CA ASP A 467 2.79 -4.95 -11.81
C ASP A 467 1.70 -4.39 -12.76
N LEU A 468 0.55 -5.06 -12.77
CA LEU A 468 -0.56 -4.61 -13.61
C LEU A 468 -1.00 -3.20 -13.23
N MET A 469 -1.16 -2.95 -11.93
CA MET A 469 -1.61 -1.63 -11.50
C MET A 469 -0.62 -0.53 -11.87
N LYS A 470 0.67 -0.78 -11.64
CA LYS A 470 1.73 0.17 -12.02
C LYS A 470 1.74 0.44 -13.52
N LEU A 471 1.63 -0.61 -14.31
CA LEU A 471 1.64 -0.44 -15.77
C LEU A 471 0.42 0.38 -16.20
N ALA A 472 -0.71 0.14 -15.55
CA ALA A 472 -1.95 0.86 -15.86
C ALA A 472 -1.86 2.36 -15.54
N MET A 473 -1.19 2.69 -14.43
CA MET A 473 -0.99 4.08 -14.04
C MET A 473 -0.11 4.77 -15.08
N VAL A 474 0.91 4.05 -15.53
CA VAL A 474 1.81 4.57 -16.57
C VAL A 474 1.07 4.83 -17.90
N LYS A 475 0.18 3.94 -18.29
CA LYS A 475 -0.61 4.14 -19.51
C LYS A 475 -1.69 5.20 -19.29
N LEU A 476 -2.27 5.26 -18.09
CA LEU A 476 -3.39 6.17 -17.87
C LEU A 476 -2.97 7.64 -17.73
N PHE A 477 -1.84 7.86 -17.08
CA PHE A 477 -1.41 9.22 -16.74
C PHE A 477 -1.38 10.27 -17.89
N PRO A 478 -0.76 9.94 -19.03
CA PRO A 478 -0.79 10.90 -20.16
C PRO A 478 -2.19 11.22 -20.64
N ARG A 479 -3.08 10.23 -20.63
CA ARG A 479 -4.45 10.44 -21.08
C ARG A 479 -5.16 11.47 -20.18
N LEU A 480 -4.94 11.38 -18.87
CA LEU A 480 -5.61 12.27 -17.93
C LEU A 480 -5.15 13.72 -18.11
N GLU A 481 -3.83 13.90 -18.19
CA GLU A 481 -3.25 15.22 -18.45
C GLU A 481 -3.91 15.88 -19.65
N GLU A 482 -4.10 15.12 -20.71
CA GLU A 482 -4.73 15.63 -21.92
C GLU A 482 -6.18 16.00 -21.71
N MET A 483 -6.85 15.34 -20.77
CA MET A 483 -8.26 15.62 -20.49
C MET A 483 -8.48 16.67 -19.40
N GLY A 484 -7.40 17.15 -18.81
CA GLY A 484 -7.47 18.13 -17.74
C GLY A 484 -7.91 17.55 -16.40
N ALA A 485 -7.70 16.24 -16.24
CA ALA A 485 -8.03 15.53 -15.01
C ALA A 485 -6.76 15.18 -14.25
N ARG A 486 -6.91 14.65 -13.04
CA ARG A 486 -5.78 14.42 -12.14
C ARG A 486 -5.80 13.04 -11.51
N MET A 487 -4.61 12.46 -11.38
CA MET A 487 -4.44 11.22 -10.64
C MET A 487 -4.00 11.58 -9.23
N LEU A 488 -4.76 11.12 -8.23
CA LEU A 488 -4.50 11.55 -6.84
C LEU A 488 -3.89 10.46 -5.95
N LEU A 489 -4.49 9.28 -5.92
CA LEU A 489 -4.05 8.22 -5.01
C LEU A 489 -4.11 6.87 -5.68
N GLN A 490 -3.23 5.97 -5.25
CA GLN A 490 -3.30 4.55 -5.57
C GLN A 490 -3.42 3.77 -4.25
N VAL A 491 -4.42 2.90 -4.14
CA VAL A 491 -4.58 2.04 -2.97
C VAL A 491 -4.54 0.55 -3.37
N HIS A 492 -3.39 0.16 -3.91
CA HIS A 492 -3.10 -1.23 -4.30
C HIS A 492 -3.76 -1.74 -5.58
N ASP A 493 -5.09 -1.88 -5.60
CA ASP A 493 -5.78 -2.25 -6.83
C ASP A 493 -6.82 -1.18 -7.17
N GLU A 494 -6.68 -0.02 -6.54
CA GLU A 494 -7.61 1.09 -6.71
C GLU A 494 -6.89 2.39 -7.07
N LEU A 495 -7.53 3.19 -7.93
CA LEU A 495 -7.04 4.53 -8.23
C LEU A 495 -8.12 5.54 -7.93
N VAL A 496 -7.71 6.67 -7.36
CA VAL A 496 -8.63 7.77 -7.11
C VAL A 496 -8.19 8.96 -7.94
N LEU A 497 -9.09 9.42 -8.81
CA LEU A 497 -8.82 10.56 -9.67
C LEU A 497 -9.73 11.73 -9.35
N GLU A 498 -9.38 12.89 -9.89
CA GLU A 498 -10.13 14.11 -9.70
C GLU A 498 -10.35 14.73 -11.09
N ALA A 499 -11.60 14.90 -11.49
CA ALA A 499 -11.92 15.41 -12.82
C ALA A 499 -12.84 16.62 -12.74
N PRO A 500 -12.72 17.55 -13.71
CA PRO A 500 -13.73 18.61 -13.78
C PRO A 500 -15.10 17.99 -13.92
N LYS A 501 -16.09 18.55 -13.23
CA LYS A 501 -17.45 18.00 -13.18
C LYS A 501 -18.00 17.66 -14.58
N GLU A 502 -17.74 18.55 -15.54
CA GLU A 502 -18.19 18.37 -16.91
C GLU A 502 -17.59 17.13 -17.60
N ARG A 503 -16.38 16.75 -17.22
CA ARG A 503 -15.71 15.63 -17.88
C ARG A 503 -15.59 14.38 -17.02
N ALA A 504 -16.16 14.40 -15.82
CA ALA A 504 -15.97 13.32 -14.86
C ALA A 504 -16.40 11.96 -15.44
N GLU A 505 -17.50 11.98 -16.19
CA GLU A 505 -18.04 10.78 -16.79
C GLU A 505 -17.13 10.21 -17.89
N ALA A 506 -16.67 11.06 -18.80
CA ALA A 506 -15.77 10.62 -19.86
C ALA A 506 -14.44 10.14 -19.31
N VAL A 507 -13.94 10.81 -18.27
CA VAL A 507 -12.72 10.36 -17.59
C VAL A 507 -12.96 8.97 -16.98
N ALA A 508 -14.13 8.77 -16.40
CA ALA A 508 -14.45 7.48 -15.78
C ALA A 508 -14.42 6.38 -16.82
N ARG A 509 -15.12 6.59 -17.94
CA ARG A 509 -15.17 5.58 -18.99
C ARG A 509 -13.77 5.24 -19.50
N LEU A 510 -12.99 6.27 -19.80
CA LEU A 510 -11.63 6.09 -20.30
C LEU A 510 -10.72 5.31 -19.35
N ALA A 511 -10.75 5.70 -18.09
CA ALA A 511 -9.90 5.11 -17.07
C ALA A 511 -10.21 3.63 -16.91
N LYS A 512 -11.50 3.33 -16.91
CA LYS A 512 -11.98 1.96 -16.81
C LYS A 512 -11.41 1.11 -17.95
N GLU A 513 -11.51 1.62 -19.17
CA GLU A 513 -11.01 0.89 -20.33
C GLU A 513 -9.50 0.69 -20.27
N VAL A 514 -8.76 1.73 -19.90
CA VAL A 514 -7.32 1.59 -19.82
C VAL A 514 -6.93 0.53 -18.78
N MET A 515 -7.61 0.53 -17.63
CA MET A 515 -7.28 -0.43 -16.58
C MET A 515 -7.63 -1.89 -16.93
N GLU A 516 -8.78 -2.11 -17.59
CA GLU A 516 -9.23 -3.46 -17.95
C GLU A 516 -8.41 -4.06 -19.10
N GLY A 517 -7.89 -3.19 -19.96
CA GLY A 517 -7.05 -3.62 -21.08
C GLY A 517 -5.56 -3.46 -20.83
N VAL A 518 -5.14 -3.16 -19.59
CA VAL A 518 -3.71 -2.98 -19.30
C VAL A 518 -2.81 -4.08 -19.87
N TYR A 519 -3.26 -5.34 -19.81
CA TYR A 519 -2.45 -6.48 -20.23
C TYR A 519 -3.33 -7.71 -20.26
N PRO A 520 -3.80 -8.09 -21.45
CA PRO A 520 -4.70 -9.23 -21.66
C PRO A 520 -4.20 -10.53 -21.02
N LEU A 521 -5.05 -11.17 -20.23
CA LEU A 521 -4.70 -12.42 -19.55
C LEU A 521 -5.59 -13.53 -20.05
N ALA A 522 -5.54 -14.68 -19.40
CA ALA A 522 -6.42 -15.79 -19.76
C ALA A 522 -7.83 -15.55 -19.23
N VAL A 523 -7.99 -14.51 -18.41
CA VAL A 523 -9.31 -14.10 -17.95
C VAL A 523 -9.46 -12.59 -18.10
N PRO A 524 -10.70 -12.11 -18.24
CA PRO A 524 -10.90 -10.66 -18.33
C PRO A 524 -10.64 -9.96 -17.02
N LEU A 525 -10.07 -8.77 -17.08
CA LEU A 525 -9.99 -7.90 -15.92
C LEU A 525 -11.21 -6.99 -15.95
N GLU A 526 -11.95 -6.95 -14.86
CA GLU A 526 -13.09 -6.06 -14.72
C GLU A 526 -12.76 -5.00 -13.68
N VAL A 527 -13.22 -3.78 -13.91
CA VAL A 527 -13.00 -2.68 -13.00
C VAL A 527 -14.33 -2.05 -12.59
N GLU A 528 -14.57 -1.94 -11.29
CA GLU A 528 -15.74 -1.23 -10.80
C GLU A 528 -15.38 0.26 -10.68
N VAL A 529 -16.26 1.12 -11.15
CA VAL A 529 -15.94 2.54 -11.15
C VAL A 529 -17.11 3.32 -10.59
N GLY A 530 -16.80 4.28 -9.73
CA GLY A 530 -17.80 5.16 -9.17
C GLY A 530 -17.36 6.62 -9.17
N ILE A 531 -18.33 7.51 -9.11
CA ILE A 531 -18.10 8.95 -9.18
C ILE A 531 -18.88 9.65 -8.06
N GLY A 532 -18.25 10.58 -7.37
CA GLY A 532 -18.91 11.30 -6.29
C GLY A 532 -18.11 12.49 -5.76
N GLU A 533 -18.73 13.27 -4.90
CA GLU A 533 -18.10 14.50 -4.38
C GLU A 533 -17.10 14.19 -3.27
N ASP A 534 -17.16 12.96 -2.74
CA ASP A 534 -16.23 12.52 -1.70
C ASP A 534 -15.85 11.05 -1.93
N TRP A 535 -14.78 10.63 -1.26
CA TRP A 535 -14.20 9.31 -1.49
C TRP A 535 -15.19 8.18 -1.16
N LEU A 536 -15.95 8.34 -0.09
CA LEU A 536 -16.93 7.33 0.26
C LEU A 536 -17.99 7.18 -0.85
N SER A 537 -18.55 8.31 -1.29
CA SER A 537 -19.62 8.23 -2.26
C SER A 537 -19.09 7.78 -3.63
N ALA A 538 -17.79 7.96 -3.87
CA ALA A 538 -17.22 7.55 -5.15
C ALA A 538 -16.99 6.03 -5.27
N LYS A 539 -17.09 5.29 -4.17
CA LYS A 539 -17.08 3.82 -4.28
C LYS A 539 -18.47 3.23 -4.03
N GLU A 540 -19.49 4.08 -4.18
CA GLU A 540 -20.91 3.80 -3.87
C GLU A 540 -21.16 3.72 -2.37
N1 DOC B 12 -5.58 -4.65 1.66
C2 DOC B 12 -4.71 -5.69 1.91
N3 DOC B 12 -4.84 -6.39 3.05
C4 DOC B 12 -5.79 -6.12 3.96
C5 DOC B 12 -6.72 -5.06 3.73
C6 DOC B 12 -6.56 -4.34 2.53
O2 DOC B 12 -3.79 -5.98 1.08
N4 DOC B 12 -5.85 -6.90 5.16
C1' DOC B 12 -5.45 -3.86 0.44
C2' DOC B 12 -6.23 -4.30 -0.76
C3' DOC B 12 -7.38 -3.43 -0.81
C4' DOC B 12 -6.84 -2.16 -0.29
O4' DOC B 12 -5.79 -2.49 0.63
C5' DOC B 12 -7.87 -1.37 0.39
O5' DOC B 12 -8.72 -2.04 1.29
P DOC B 12 -9.76 -1.22 2.13
OP1 DOC B 12 -10.57 -2.23 3.02
OP2 DOC B 12 -10.70 -0.50 1.24
O2G 0R5 D . -12.52 -5.30 -5.20
PG 0R5 D . -13.34 -6.55 -4.96
O1G 0R5 D . -14.33 -6.26 -3.84
O3G 0R5 D . -14.08 -6.94 -6.23
O3B 0R5 D . -12.43 -7.83 -4.60
PB 0R5 D . -10.84 -7.78 -4.41
O1B 0R5 D . -10.36 -9.22 -4.42
O2B 0R5 D . -10.12 -7.04 -5.52
O3A 0R5 D . -10.56 -7.13 -3.00
PA 0R5 D . -9.85 -5.75 -2.69
O1A 0R5 D . -10.06 -4.65 -3.71
O2A 0R5 D . -10.46 -5.24 -1.39
O5' 0R5 D . -8.34 -6.01 -2.47
C5' 0R5 D . -7.43 -6.14 -3.47
C4' 0R5 D . -6.50 -7.26 -3.38
C3' 0R5 D . -7.25 -8.51 -3.23
O3' 0R5 D . -7.73 -9.01 -4.44
C2' 0R5 D . -6.26 -9.40 -2.68
O4' 0R5 D . -5.70 -7.20 -2.22
C1' 0R5 D . -5.55 -8.53 -1.73
N1 0R5 D . -6.13 -8.73 -0.37
C2 0R5 D . -5.58 -9.61 0.52
O2 0R5 D . -4.57 -10.27 0.27
N3 0R5 D . -6.12 -9.78 1.74
C4 0R5 D . -7.23 -9.10 2.09
O4 0R5 D . -7.83 -9.26 3.35
C6 0R5 D . -7.24 -8.05 -0.05
C5 0R5 D . -7.82 -8.21 1.20
C5M 0R5 D . -9.04 -7.47 1.58
C30 0R5 D . -10.06 -6.86 1.89
C31 0R5 D . -11.30 -6.15 2.28
C36 0R5 D . -11.51 -4.89 1.71
C35 0R5 D . -12.65 -4.18 2.04
C34 0R5 D . -13.57 -4.74 2.93
C37 0R5 D . -14.80 -3.99 3.30
C38 0R5 D . -15.80 -3.38 3.60
C33 0R5 D . -13.36 -6.00 3.50
C32 0R5 D . -12.21 -6.73 3.17
MG MG E . -10.68 -4.94 -5.83
MG MG F . -9.43 -2.35 -3.54
C1 GOL G . -15.39 -2.66 -0.21
O1 GOL G . -15.48 -3.88 -0.91
C2 GOL G . -14.21 -1.83 -0.70
O2 GOL G . -14.34 -1.55 -2.08
C3 GOL G . -14.23 -0.50 0.05
O3 GOL G . -13.02 0.19 -0.16
C ACT H . -18.76 15.80 3.67
O ACT H . -19.46 16.07 4.68
OXT ACT H . -17.80 16.58 3.44
CH3 ACT H . -19.05 14.63 2.77
C1 GOL I . 0.95 -23.46 5.96
O1 GOL I . -0.35 -23.07 5.56
C2 GOL I . 1.94 -23.15 4.83
O2 GOL I . 1.22 -22.62 3.75
C3 GOL I . 2.63 -24.42 4.33
O3 GOL I . 3.12 -24.15 3.03
C1 GOL J . -2.83 8.58 8.70
O1 GOL J . -2.74 7.21 8.35
C2 GOL J . -1.60 8.88 9.54
O2 GOL J . -0.44 8.83 8.71
C3 GOL J . -1.73 10.26 10.16
O3 GOL J . -0.52 10.52 10.84
C ACT K . 3.90 19.24 9.35
O ACT K . 4.91 19.59 9.99
OXT ACT K . 3.94 18.11 8.82
CH3 ACT K . 2.71 20.15 9.25
C1 GOL L . 11.67 8.40 -1.13
O1 GOL L . 11.89 7.18 -0.46
C2 GOL L . 11.08 8.14 -2.49
O2 GOL L . 11.75 8.87 -3.50
C3 GOL L . 11.08 6.62 -2.75
O3 GOL L . 10.23 6.28 -3.83
C1 GOL M . 1.72 12.65 10.48
O1 GOL M . 1.93 12.07 11.76
C2 GOL M . 2.47 11.86 9.41
O2 GOL M . 3.54 12.65 8.92
C3 GOL M . 2.96 10.50 9.91
O3 GOL M . 2.28 9.47 9.22
C1 GOL N . 14.04 -28.98 1.77
O1 GOL N . 13.17 -27.87 1.87
C2 GOL N . 15.21 -28.81 2.72
O2 GOL N . 14.80 -28.25 3.95
C3 GOL N . 16.25 -27.90 2.06
O3 GOL N . 17.39 -27.82 2.89
C ACT O . -10.25 16.65 21.16
O ACT O . -11.26 16.82 20.46
OXT ACT O . -10.35 15.81 22.08
CH3 ACT O . -8.97 17.40 20.93
C1 GOL P . 13.30 -10.67 1.04
O1 GOL P . 12.83 -9.48 0.45
C2 GOL P . 12.15 -11.41 1.71
O2 GOL P . 12.06 -12.73 1.23
C3 GOL P . 12.28 -11.37 3.23
O3 GOL P . 11.50 -12.41 3.80
C1 EDO Q . 16.77 9.28 -18.75
O1 EDO Q . 15.43 9.73 -19.07
C2 EDO Q . 16.86 9.07 -17.26
O2 EDO Q . 17.91 9.86 -16.65
C1 GOL R . 5.82 -4.43 15.50
O1 GOL R . 4.98 -5.06 16.45
C2 GOL R . 5.02 -3.31 14.86
O2 GOL R . 5.67 -2.06 15.00
C3 GOL R . 4.71 -3.66 13.41
O3 GOL R . 3.63 -4.58 13.43
C1 GOL S . 8.06 -10.03 6.36
O1 GOL S . 6.81 -10.66 6.47
C2 GOL S . 8.03 -9.04 5.20
O2 GOL S . 8.11 -7.73 5.72
C3 GOL S . 9.20 -9.30 4.25
O3 GOL S . 10.26 -8.40 4.53
MG MG T . 6.23 8.69 26.56
#